data_8FKB
#
_entry.id   8FKB
#
_cell.length_a   98.456
_cell.length_b   72.425
_cell.length_c   65.505
_cell.angle_alpha   90.00
_cell.angle_beta   109.56
_cell.angle_gamma   90.00
#
_symmetry.space_group_name_H-M   'C 1 2 1'
#
loop_
_entity.id
_entity.type
_entity.pdbx_description
1 polymer 'Cytochrome P450 124A1'
2 non-polymer DI(HYDROXYETHYL)ETHER
3 non-polymer 'TRIETHYLENE GLYCOL'
4 non-polymer (2E,6E)-3,7,11-trimethyldodeca-2,6,10-trien-1-ol
5 non-polymer 'PROTOPORPHYRIN IX CONTAINING FE'
6 non-polymer 'SULFATE ION'
7 water water
#
_entity_poly.entity_id   1
_entity_poly.type   'polypeptide(L)'
_entity_poly.pdbx_seq_one_letter_code
;MDLSTNLNTGLLPRVNGTPPPEVPLADIELGSLEFWGRDDDFRDGAFATLRREAPISFWPPIELAGLTAGKGHWALTKHD
DIHFASRHPEIFHSSPNIVIHDQTPELAEYFGSMIVLDDPRHQRLRSIVSRAFTPKVVARIEASVRERAHRLVAAMIENH
PDGQADLVSELAGPLPLQIICDMMGIPEEDHEQIFHWTNVILGFGDPDLTTDFDEFLQVSMAIGGYATALADDRRVNHHG
DLTTSLVEAEVDGERLSSSEIAMFFILLVVAGNETTRNAISHGMLALSRYPDERAKWWSDFDGLAATAVEEIVRWASPVV
YMRRTLSQDVDLRGTKMAAGDKVTLWYCSANRDEEKFADPWTFDVTRNPNPQVGFGGGGAHFCLGANLARREIRVVFDEL
RRQMPDVVATEEPARLLSQFIHGIKRLPVAWSR
;
_entity_poly.pdbx_strand_id   A
#
loop_
_chem_comp.id
_chem_comp.type
_chem_comp.name
_chem_comp.formula
FOF non-polymer (2E,6E)-3,7,11-trimethyldodeca-2,6,10-trien-1-ol 'C15 H26 O'
HEM non-polymer 'PROTOPORPHYRIN IX CONTAINING FE' 'C34 H32 Fe N4 O4'
PEG non-polymer DI(HYDROXYETHYL)ETHER 'C4 H10 O3'
PGE non-polymer 'TRIETHYLENE GLYCOL' 'C6 H14 O4'
SO4 non-polymer 'SULFATE ION' 'O4 S -2'
#
# COMPACT_ATOMS: atom_id res chain seq x y z
N GLY A 10 -22.55 -8.26 -12.82
CA GLY A 10 -21.81 -7.39 -13.73
C GLY A 10 -21.40 -6.11 -13.06
N LEU A 11 -20.70 -5.24 -13.77
CA LEU A 11 -20.29 -3.97 -13.19
C LEU A 11 -21.49 -3.06 -13.02
N LEU A 12 -21.60 -2.43 -11.87
CA LEU A 12 -22.66 -1.48 -11.68
C LEU A 12 -22.38 -0.27 -12.57
N PRO A 13 -23.34 0.20 -13.36
CA PRO A 13 -23.04 1.34 -14.21
C PRO A 13 -22.74 2.53 -13.33
N ARG A 14 -21.73 3.30 -13.71
CA ARG A 14 -21.44 4.54 -13.02
C ARG A 14 -20.82 5.48 -14.02
N VAL A 15 -21.30 6.70 -14.04
CA VAL A 15 -20.77 7.71 -14.95
C VAL A 15 -19.56 8.36 -14.32
N ASN A 16 -18.51 8.53 -15.10
CA ASN A 16 -17.31 9.16 -14.54
C ASN A 16 -17.66 10.57 -14.08
N GLY A 17 -17.16 10.95 -12.90
CA GLY A 17 -17.50 12.25 -12.35
C GLY A 17 -18.70 12.27 -11.41
N THR A 18 -19.29 11.11 -11.08
CA THR A 18 -20.46 11.11 -10.21
C THR A 18 -19.99 11.30 -8.77
N PRO A 19 -20.49 12.30 -8.05
CA PRO A 19 -20.09 12.47 -6.65
C PRO A 19 -20.72 11.40 -5.77
N PRO A 20 -20.19 11.20 -4.56
CA PRO A 20 -20.79 10.25 -3.65
C PRO A 20 -22.07 10.81 -3.06
N PRO A 21 -22.90 9.96 -2.50
CA PRO A 21 -24.11 10.45 -1.83
C PRO A 21 -23.77 11.31 -0.61
N GLU A 22 -24.69 12.20 -0.26
CA GLU A 22 -24.52 13.01 0.93
C GLU A 22 -24.80 12.15 2.15
N VAL A 23 -23.80 11.99 3.00
CA VAL A 23 -23.91 11.13 4.16
C VAL A 23 -24.02 12.04 5.38
N PRO A 24 -25.13 11.99 6.12
CA PRO A 24 -25.26 12.89 7.28
C PRO A 24 -24.21 12.57 8.33
N LEU A 25 -23.71 13.64 8.97
CA LEU A 25 -22.68 13.50 9.99
C LEU A 25 -23.09 12.50 11.06
N ALA A 26 -24.36 12.50 11.46
CA ALA A 26 -24.78 11.59 12.50
C ALA A 26 -24.72 10.12 12.08
N ASP A 27 -24.61 9.84 10.78
CA ASP A 27 -24.56 8.47 10.30
C ASP A 27 -23.13 7.92 10.14
N ILE A 28 -22.12 8.69 10.50
CA ILE A 28 -20.72 8.30 10.30
C ILE A 28 -20.19 7.74 11.61
N GLU A 29 -19.67 6.51 11.56
CA GLU A 29 -19.10 5.84 12.74
C GLU A 29 -17.74 5.24 12.36
N LEU A 30 -16.68 6.05 12.44
CA LEU A 30 -15.36 5.55 12.05
C LEU A 30 -14.87 4.44 12.97
N GLY A 31 -15.45 4.31 14.16
CA GLY A 31 -15.11 3.23 15.07
C GLY A 31 -15.92 1.97 14.91
N SER A 32 -16.70 1.85 13.83
CA SER A 32 -17.63 0.75 13.62
C SER A 32 -17.17 -0.12 12.47
N LEU A 33 -17.09 -1.43 12.72
CA LEU A 33 -16.76 -2.35 11.65
C LEU A 33 -17.78 -2.31 10.54
N GLU A 34 -19.06 -2.11 10.88
CA GLU A 34 -20.09 -2.03 9.84
C GLU A 34 -19.81 -0.88 8.88
N PHE A 35 -19.32 0.25 9.41
CA PHE A 35 -18.94 1.37 8.55
C PHE A 35 -17.93 0.94 7.49
N TRP A 36 -16.87 0.24 7.91
CA TRP A 36 -15.83 -0.18 6.98
C TRP A 36 -16.31 -1.24 6.01
N GLY A 37 -17.42 -1.93 6.33
CA GLY A 37 -17.99 -2.86 5.36
C GLY A 37 -18.85 -2.22 4.28
N ARG A 38 -19.23 -0.95 4.44
CA ARG A 38 -20.05 -0.26 3.45
C ARG A 38 -19.25 -0.04 2.16
N ASP A 39 -19.99 0.22 1.07
CA ASP A 39 -19.36 0.41 -0.26
C ASP A 39 -18.53 1.69 -0.30
N ASP A 40 -17.69 1.84 -1.32
CA ASP A 40 -16.82 3.01 -1.41
C ASP A 40 -17.63 4.29 -1.51
N ASP A 41 -18.82 4.23 -2.13
CA ASP A 41 -19.53 5.47 -2.38
C ASP A 41 -20.01 5.99 -1.01
N PHE A 42 -20.40 5.09 -0.10
CA PHE A 42 -20.75 5.55 1.24
C PHE A 42 -19.54 6.10 1.98
N ARG A 43 -18.42 5.38 1.92
CA ARG A 43 -17.20 5.81 2.61
C ARG A 43 -16.75 7.16 2.10
N ASP A 44 -16.70 7.30 0.77
CA ASP A 44 -16.28 8.58 0.15
C ASP A 44 -17.23 9.71 0.55
N GLY A 45 -18.53 9.43 0.64
CA GLY A 45 -19.47 10.47 1.03
C GLY A 45 -19.31 10.82 2.48
N ALA A 46 -18.99 9.82 3.31
CA ALA A 46 -18.72 10.10 4.71
C ALA A 46 -17.53 11.05 4.87
N PHE A 47 -16.41 10.75 4.19
CA PHE A 47 -15.25 11.63 4.31
C PHE A 47 -15.50 12.98 3.71
N ALA A 48 -16.34 13.06 2.67
CA ALA A 48 -16.67 14.37 2.12
C ALA A 48 -17.43 15.19 3.15
N THR A 49 -18.35 14.54 3.87
CA THR A 49 -19.04 15.22 4.96
C THR A 49 -18.09 15.67 6.05
N LEU A 50 -17.11 14.82 6.41
CA LEU A 50 -16.15 15.24 7.44
C LEU A 50 -15.33 16.43 6.95
N ARG A 51 -14.88 16.41 5.68
CA ARG A 51 -14.07 17.54 5.21
C ARG A 51 -14.83 18.84 5.29
N ARG A 52 -16.15 18.81 5.00
CA ARG A 52 -16.94 20.04 4.96
C ARG A 52 -17.36 20.48 6.36
N GLU A 53 -17.69 19.53 7.24
CA GLU A 53 -18.37 19.83 8.48
C GLU A 53 -17.57 19.53 9.74
N ALA A 54 -16.65 18.58 9.70
CA ALA A 54 -15.90 18.17 10.89
C ALA A 54 -14.52 17.69 10.45
N PRO A 55 -13.69 18.62 9.95
CA PRO A 55 -12.46 18.19 9.27
C PRO A 55 -11.45 17.57 10.21
N ILE A 56 -11.51 17.88 11.50
CA ILE A 56 -10.72 17.21 12.53
C ILE A 56 -11.69 16.79 13.61
N SER A 57 -11.70 15.51 13.94
CA SER A 57 -12.72 14.96 14.83
C SER A 57 -12.14 13.72 15.50
N PHE A 58 -12.63 13.42 16.70
CA PHE A 58 -12.09 12.33 17.51
C PHE A 58 -13.00 11.11 17.47
N TRP A 59 -12.40 9.93 17.31
CA TRP A 59 -13.14 8.69 17.11
C TRP A 59 -12.59 7.57 17.99
N PRO A 60 -13.45 6.66 18.44
CA PRO A 60 -12.98 5.44 19.11
C PRO A 60 -12.37 4.49 18.10
N PRO A 61 -11.48 3.61 18.53
CA PRO A 61 -11.00 2.56 17.63
C PRO A 61 -12.11 1.55 17.38
N ILE A 62 -11.94 0.79 16.29
CA ILE A 62 -12.75 -0.40 16.12
C ILE A 62 -12.51 -1.35 17.28
N GLU A 63 -13.58 -1.80 17.92
CA GLU A 63 -13.48 -2.74 19.04
C GLU A 63 -13.95 -4.10 18.56
N LEU A 64 -13.04 -5.06 18.53
CA LEU A 64 -13.41 -6.45 18.32
C LEU A 64 -13.74 -7.03 19.68
N ALA A 65 -15.01 -7.42 19.85
CA ALA A 65 -15.53 -7.81 21.15
C ALA A 65 -14.72 -8.94 21.75
N GLY A 66 -14.18 -8.73 22.95
CA GLY A 66 -13.35 -9.69 23.63
C GLY A 66 -11.87 -9.36 23.61
N LEU A 67 -11.43 -8.43 22.78
CA LEU A 67 -10.04 -8.06 22.67
C LEU A 67 -9.87 -6.60 23.06
N THR A 68 -8.66 -6.25 23.52
CA THR A 68 -8.37 -4.86 23.87
C THR A 68 -8.49 -3.98 22.63
N ALA A 69 -9.08 -2.80 22.81
CA ALA A 69 -9.33 -1.88 21.71
C ALA A 69 -8.30 -0.76 21.60
N GLY A 70 -7.78 -0.25 22.73
CA GLY A 70 -6.91 0.90 22.72
C GLY A 70 -7.65 2.23 22.72
N LYS A 71 -6.86 3.31 22.74
CA LYS A 71 -7.46 4.64 22.79
C LYS A 71 -7.90 5.10 21.39
N GLY A 72 -8.71 6.15 21.37
CA GLY A 72 -9.20 6.71 20.12
C GLY A 72 -8.19 7.61 19.43
N HIS A 73 -8.63 8.26 18.35
CA HIS A 73 -7.71 9.01 17.50
C HIS A 73 -8.41 10.23 16.89
N TRP A 74 -7.61 11.26 16.60
CA TRP A 74 -8.08 12.43 15.86
C TRP A 74 -7.88 12.16 14.37
N ALA A 75 -8.99 12.18 13.62
CA ALA A 75 -8.96 11.99 12.16
C ALA A 75 -8.69 13.30 11.44
N LEU A 76 -7.57 13.38 10.72
CA LEU A 76 -7.30 14.49 9.81
C LEU A 76 -7.77 14.07 8.44
N THR A 77 -8.69 14.84 7.86
CA THR A 77 -9.34 14.50 6.61
C THR A 77 -8.97 15.44 5.46
N LYS A 78 -8.34 16.59 5.75
CA LYS A 78 -7.99 17.57 4.73
C LYS A 78 -6.55 17.39 4.28
N HIS A 79 -6.34 17.56 2.97
CA HIS A 79 -5.01 17.44 2.38
C HIS A 79 -3.99 18.34 3.07
N ASP A 80 -4.33 19.60 3.29
CA ASP A 80 -3.43 20.52 3.98
C ASP A 80 -3.03 20.04 5.37
N ASP A 81 -3.98 19.53 6.16
CA ASP A 81 -3.62 19.05 7.50
C ASP A 81 -2.74 17.81 7.45
N ILE A 82 -3.08 16.86 6.58
CA ILE A 82 -2.26 15.67 6.42
C ILE A 82 -0.84 16.03 5.98
N HIS A 83 -0.71 16.96 5.05
CA HIS A 83 0.59 17.40 4.59
C HIS A 83 1.40 18.04 5.71
N PHE A 84 0.75 18.88 6.52
CA PHE A 84 1.43 19.50 7.64
C PHE A 84 1.90 18.45 8.64
N ALA A 85 1.04 17.50 8.97
CA ALA A 85 1.44 16.47 9.94
C ALA A 85 2.62 15.67 9.43
N SER A 86 2.63 15.36 8.13
CA SER A 86 3.71 14.55 7.53
C SER A 86 5.03 15.30 7.54
N ARG A 87 4.97 16.62 7.45
CA ARG A 87 6.18 17.45 7.41
C ARG A 87 6.68 17.80 8.80
N HIS A 88 6.01 17.35 9.85
CA HIS A 88 6.42 17.66 11.23
C HIS A 88 6.50 16.40 12.07
N PRO A 89 7.43 15.51 11.71
CA PRO A 89 7.58 14.25 12.46
C PRO A 89 8.06 14.44 13.88
N GLU A 90 8.59 15.63 14.21
CA GLU A 90 8.99 15.94 15.57
C GLU A 90 7.77 16.12 16.47
N ILE A 91 6.66 16.60 15.92
CA ILE A 91 5.39 16.68 16.65
C ILE A 91 4.56 15.41 16.47
N PHE A 92 4.46 14.92 15.23
CA PHE A 92 3.60 13.76 14.92
C PHE A 92 4.52 12.56 14.75
N HIS A 93 4.71 11.82 15.84
CA HIS A 93 5.68 10.75 15.81
C HIS A 93 5.13 9.48 15.17
N SER A 94 6.03 8.72 14.55
CA SER A 94 5.70 7.40 14.01
C SER A 94 5.91 6.29 15.03
N SER A 95 6.76 6.50 16.06
CA SER A 95 6.84 5.57 17.15
C SER A 95 5.66 5.82 18.11
N PRO A 96 5.01 4.77 18.62
CA PRO A 96 5.40 3.34 18.58
C PRO A 96 4.97 2.55 17.34
N ASN A 97 3.91 2.97 16.66
CA ASN A 97 3.45 2.28 15.46
C ASN A 97 2.58 3.24 14.67
N ILE A 98 2.26 2.83 13.43
CA ILE A 98 1.51 3.70 12.47
C ILE A 98 0.10 3.17 12.22
N VAL A 99 -0.33 2.13 12.93
CA VAL A 99 -1.72 1.67 12.88
C VAL A 99 -2.42 2.18 14.13
N ILE A 100 -3.75 2.21 14.07
CA ILE A 100 -4.49 2.76 15.21
C ILE A 100 -4.18 1.99 16.50
N HIS A 101 -4.22 0.66 16.44
CA HIS A 101 -3.98 -0.17 17.61
C HIS A 101 -3.09 -1.33 17.20
N ASP A 102 -1.89 -1.38 17.79
CA ASP A 102 -0.93 -2.46 17.53
C ASP A 102 -1.28 -3.66 18.40
N GLN A 103 -1.61 -4.78 17.76
CA GLN A 103 -1.98 -5.99 18.48
C GLN A 103 -0.77 -6.69 19.11
N THR A 104 0.45 -6.46 18.59
CA THR A 104 1.67 -7.13 19.06
C THR A 104 2.75 -6.08 19.28
N PRO A 105 2.57 -5.23 20.30
CA PRO A 105 3.47 -4.07 20.45
C PRO A 105 4.93 -4.44 20.75
N GLU A 106 5.16 -5.61 21.33
CA GLU A 106 6.53 -6.06 21.54
C GLU A 106 7.22 -6.36 20.21
N LEU A 107 6.45 -6.53 19.13
CA LEU A 107 7.01 -6.82 17.81
C LEU A 107 6.86 -5.63 16.86
N ALA A 108 6.63 -4.45 17.39
CA ALA A 108 6.37 -3.29 16.53
C ALA A 108 7.53 -3.08 15.55
N GLU A 109 8.77 -3.11 16.06
CA GLU A 109 9.91 -2.93 15.18
C GLU A 109 10.21 -4.18 14.34
N TYR A 110 9.82 -5.36 14.83
CA TYR A 110 10.07 -6.58 14.08
C TYR A 110 9.35 -6.59 12.74
N PHE A 111 8.08 -6.20 12.74
CA PHE A 111 7.30 -6.10 11.50
C PHE A 111 7.49 -4.76 10.81
N GLY A 112 7.84 -3.70 11.55
CA GLY A 112 7.78 -2.34 11.04
C GLY A 112 9.06 -1.80 10.48
N SER A 113 10.20 -2.32 10.92
CA SER A 113 11.49 -1.76 10.49
C SER A 113 11.43 -0.24 10.57
N MET A 114 11.84 0.48 9.53
CA MET A 114 12.01 1.93 9.67
C MET A 114 10.68 2.67 9.83
N ILE A 115 9.54 2.05 9.46
CA ILE A 115 8.30 2.82 9.45
C ILE A 115 7.83 3.18 10.85
N VAL A 116 8.30 2.47 11.87
CA VAL A 116 7.87 2.72 13.25
C VAL A 116 8.92 3.50 14.03
N LEU A 117 9.90 4.05 13.34
CA LEU A 117 10.99 4.77 13.99
C LEU A 117 10.88 6.25 13.73
N ASP A 118 11.31 7.03 14.70
CA ASP A 118 11.52 8.46 14.58
C ASP A 118 13.02 8.71 14.53
N ASP A 119 13.38 9.93 14.13
CA ASP A 119 14.78 10.29 14.13
C ASP A 119 15.27 10.40 15.57
N PRO A 120 16.56 10.14 15.81
CA PRO A 120 17.58 9.88 14.79
C PRO A 120 17.64 8.46 14.28
N ARG A 121 16.97 7.51 14.95
CA ARG A 121 17.07 6.13 14.52
C ARG A 121 16.52 5.97 13.11
N HIS A 122 15.44 6.68 12.77
CA HIS A 122 14.84 6.47 11.46
C HIS A 122 15.79 6.87 10.34
N GLN A 123 16.37 8.07 10.44
CA GLN A 123 17.26 8.55 9.38
C GLN A 123 18.44 7.61 9.20
N ARG A 124 18.99 7.09 10.29
CA ARG A 124 20.11 6.19 10.15
C ARG A 124 19.73 4.93 9.37
N LEU A 125 18.66 4.26 9.78
CA LEU A 125 18.27 3.03 9.10
C LEU A 125 17.88 3.31 7.65
N ARG A 126 17.09 4.35 7.41
CA ARG A 126 16.66 4.67 6.06
C ARG A 126 17.86 5.00 5.17
N SER A 127 18.84 5.71 5.70
N SER A 127 18.85 5.72 5.71
N SER A 127 18.84 5.72 5.71
CA SER A 127 20.00 6.07 4.88
CA SER A 127 20.02 6.08 4.91
CA SER A 127 20.01 6.08 4.92
C SER A 127 20.82 4.84 4.48
C SER A 127 20.79 4.84 4.49
C SER A 127 20.80 4.86 4.49
N ILE A 128 20.98 3.89 5.40
CA ILE A 128 21.73 2.69 5.08
C ILE A 128 20.98 1.85 4.05
N VAL A 129 19.68 1.64 4.27
CA VAL A 129 18.90 0.88 3.30
C VAL A 129 18.91 1.55 1.93
N SER A 130 18.74 2.87 1.89
N SER A 130 18.76 2.87 1.90
CA SER A 130 18.74 3.57 0.62
CA SER A 130 18.73 3.60 0.64
C SER A 130 20.03 3.35 -0.16
C SER A 130 20.02 3.39 -0.15
N ARG A 131 21.16 3.40 0.54
CA ARG A 131 22.46 3.17 -0.10
C ARG A 131 22.59 1.80 -0.73
N ALA A 132 21.82 0.82 -0.27
CA ALA A 132 21.91 -0.51 -0.85
C ALA A 132 21.26 -0.60 -2.22
N PHE A 133 20.47 0.38 -2.62
CA PHE A 133 19.82 0.37 -3.93
C PHE A 133 20.79 0.96 -4.96
N THR A 134 21.83 0.18 -5.23
CA THR A 134 22.91 0.57 -6.13
C THR A 134 22.43 0.48 -7.57
N PRO A 135 23.17 1.08 -8.51
CA PRO A 135 22.74 1.02 -9.91
C PRO A 135 22.54 -0.38 -10.44
N LYS A 136 23.40 -1.32 -10.08
CA LYS A 136 23.25 -2.67 -10.60
C LYS A 136 22.01 -3.33 -10.00
N VAL A 137 21.79 -3.14 -8.70
CA VAL A 137 20.61 -3.71 -8.05
C VAL A 137 19.34 -3.14 -8.67
N VAL A 138 19.30 -1.81 -8.90
CA VAL A 138 18.13 -1.15 -9.47
C VAL A 138 17.88 -1.61 -10.90
N ALA A 139 18.93 -1.80 -11.69
CA ALA A 139 18.76 -2.26 -13.07
C ALA A 139 18.17 -3.67 -13.10
N ARG A 140 18.62 -4.54 -12.19
CA ARG A 140 18.04 -5.88 -12.09
C ARG A 140 16.58 -5.80 -11.68
N ILE A 141 16.24 -4.92 -10.73
CA ILE A 141 14.82 -4.74 -10.35
C ILE A 141 13.99 -4.37 -11.55
N GLU A 142 14.45 -3.39 -12.33
CA GLU A 142 13.70 -2.95 -13.49
C GLU A 142 13.50 -4.07 -14.50
N ALA A 143 14.52 -4.89 -14.74
CA ALA A 143 14.35 -6.01 -15.65
C ALA A 143 13.36 -7.03 -15.10
N SER A 144 13.42 -7.27 -13.78
CA SER A 144 12.50 -8.18 -13.10
C SER A 144 11.04 -7.72 -13.23
N VAL A 145 10.76 -6.42 -13.04
CA VAL A 145 9.38 -5.94 -13.16
C VAL A 145 8.81 -6.35 -14.52
N ARG A 146 9.54 -6.04 -15.59
CA ARG A 146 9.09 -6.35 -16.93
C ARG A 146 8.97 -7.86 -17.14
N GLU A 147 9.98 -8.63 -16.74
CA GLU A 147 9.97 -10.08 -16.94
C GLU A 147 8.80 -10.70 -16.20
N ARG A 148 8.62 -10.35 -14.92
CA ARG A 148 7.54 -10.94 -14.14
C ARG A 148 6.17 -10.54 -14.66
N ALA A 149 5.95 -9.28 -15.03
CA ALA A 149 4.65 -8.89 -15.52
C ALA A 149 4.35 -9.59 -16.83
N HIS A 150 5.33 -9.67 -17.72
CA HIS A 150 5.14 -10.36 -18.99
C HIS A 150 4.78 -11.81 -18.77
N ARG A 151 5.52 -12.49 -17.91
CA ARG A 151 5.32 -13.93 -17.68
C ARG A 151 3.95 -14.18 -17.07
N LEU A 152 3.56 -13.35 -16.11
CA LEU A 152 2.29 -13.56 -15.41
C LEU A 152 1.10 -13.34 -16.34
N VAL A 153 1.13 -12.31 -17.19
CA VAL A 153 0.04 -12.12 -18.13
C VAL A 153 0.02 -13.23 -19.17
N ALA A 154 1.19 -13.65 -19.64
CA ALA A 154 1.23 -14.76 -20.61
C ALA A 154 0.70 -16.06 -19.99
N ALA A 155 0.98 -16.28 -18.72
CA ALA A 155 0.48 -17.47 -18.04
C ALA A 155 -1.01 -17.41 -17.83
N MET A 156 -1.57 -16.22 -17.62
CA MET A 156 -3.00 -16.09 -17.47
C MET A 156 -3.70 -16.57 -18.73
N ILE A 157 -3.12 -16.25 -19.90
CA ILE A 157 -3.65 -16.71 -21.17
C ILE A 157 -3.55 -18.23 -21.28
N GLU A 158 -2.37 -18.79 -20.97
CA GLU A 158 -2.15 -20.23 -21.09
C GLU A 158 -3.02 -21.02 -20.12
N ASN A 159 -3.27 -20.48 -18.93
CA ASN A 159 -4.00 -21.21 -17.90
C ASN A 159 -5.52 -21.07 -18.00
N HIS A 160 -6.02 -20.21 -18.90
CA HIS A 160 -7.44 -19.93 -19.02
C HIS A 160 -7.82 -19.81 -20.48
N PRO A 161 -7.86 -20.93 -21.19
CA PRO A 161 -8.43 -20.93 -22.54
C PRO A 161 -9.83 -20.36 -22.59
N ASP A 162 -10.56 -20.43 -21.47
CA ASP A 162 -11.86 -19.80 -21.35
C ASP A 162 -11.84 -18.26 -21.42
N GLY A 163 -10.69 -17.62 -21.28
CA GLY A 163 -10.65 -16.17 -21.31
C GLY A 163 -11.19 -15.49 -20.09
N GLN A 164 -11.22 -16.15 -18.93
CA GLN A 164 -11.72 -15.57 -17.70
C GLN A 164 -10.78 -15.95 -16.58
N ALA A 165 -10.51 -15.02 -15.66
CA ALA A 165 -9.63 -15.32 -14.54
C ALA A 165 -9.85 -14.30 -13.44
N ASP A 166 -9.36 -14.59 -12.24
CA ASP A 166 -9.35 -13.60 -11.16
C ASP A 166 -8.04 -12.82 -11.26
N LEU A 167 -8.14 -11.50 -11.49
CA LEU A 167 -6.93 -10.69 -11.62
C LEU A 167 -6.09 -10.75 -10.35
N VAL A 168 -6.71 -10.87 -9.19
CA VAL A 168 -5.93 -10.84 -7.94
C VAL A 168 -5.03 -12.06 -7.80
N SER A 169 -5.62 -13.28 -7.88
CA SER A 169 -4.78 -14.44 -7.69
C SER A 169 -3.79 -14.62 -8.82
N GLU A 170 -4.13 -14.20 -10.07
CA GLU A 170 -3.30 -14.57 -11.21
C GLU A 170 -2.25 -13.52 -11.55
N LEU A 171 -2.42 -12.29 -11.09
CA LEU A 171 -1.55 -11.21 -11.56
C LEU A 171 -1.27 -10.16 -10.47
N ALA A 172 -2.31 -9.48 -9.97
CA ALA A 172 -2.06 -8.38 -9.04
C ALA A 172 -1.43 -8.86 -7.73
N GLY A 173 -1.84 -10.04 -7.24
CA GLY A 173 -1.25 -10.61 -6.05
C GLY A 173 0.20 -11.06 -6.24
N PRO A 174 0.48 -11.89 -7.25
CA PRO A 174 1.84 -12.45 -7.35
C PRO A 174 2.88 -11.46 -7.82
N LEU A 175 2.55 -10.54 -8.73
CA LEU A 175 3.57 -9.65 -9.29
C LEU A 175 4.39 -8.92 -8.22
N PRO A 176 3.80 -8.18 -7.28
CA PRO A 176 4.66 -7.41 -6.35
C PRO A 176 5.54 -8.28 -5.49
N LEU A 177 5.07 -9.47 -5.07
CA LEU A 177 5.88 -10.34 -4.23
C LEU A 177 6.95 -11.06 -5.03
N GLN A 178 6.68 -11.42 -6.29
CA GLN A 178 7.75 -11.99 -7.11
C GLN A 178 8.86 -10.98 -7.32
N ILE A 179 8.50 -9.71 -7.51
CA ILE A 179 9.53 -8.65 -7.65
C ILE A 179 10.36 -8.53 -6.38
N ILE A 180 9.72 -8.56 -5.22
CA ILE A 180 10.46 -8.53 -3.97
C ILE A 180 11.36 -9.75 -3.82
N CYS A 181 10.85 -10.94 -4.16
CA CYS A 181 11.72 -12.12 -4.13
C CYS A 181 12.93 -11.97 -5.04
N ASP A 182 12.73 -11.48 -6.27
CA ASP A 182 13.84 -11.34 -7.20
C ASP A 182 14.88 -10.37 -6.64
N MET A 183 14.43 -9.25 -6.08
CA MET A 183 15.41 -8.29 -5.60
C MET A 183 16.22 -8.84 -4.42
N MET A 184 15.60 -9.67 -3.58
CA MET A 184 16.33 -10.29 -2.47
C MET A 184 17.21 -11.46 -2.90
N GLY A 185 17.13 -11.88 -4.16
CA GLY A 185 17.91 -13.05 -4.59
C GLY A 185 17.37 -14.38 -4.11
N ILE A 186 16.07 -14.47 -3.85
CA ILE A 186 15.47 -15.66 -3.29
C ILE A 186 15.26 -16.68 -4.40
N PRO A 187 15.70 -17.92 -4.23
CA PRO A 187 15.62 -18.89 -5.32
C PRO A 187 14.17 -19.20 -5.66
N GLU A 188 13.94 -19.47 -6.95
CA GLU A 188 12.60 -19.81 -7.39
C GLU A 188 11.99 -20.92 -6.55
N GLU A 189 12.82 -21.88 -6.11
CA GLU A 189 12.32 -23.02 -5.34
C GLU A 189 11.76 -22.61 -3.98
N ASP A 190 12.14 -21.43 -3.47
CA ASP A 190 11.64 -20.99 -2.17
C ASP A 190 10.41 -20.06 -2.27
N HIS A 191 9.93 -19.79 -3.48
CA HIS A 191 8.77 -18.91 -3.66
C HIS A 191 7.54 -19.42 -2.92
N GLU A 192 7.22 -20.71 -3.07
CA GLU A 192 5.98 -21.18 -2.49
C GLU A 192 5.98 -20.95 -0.99
N GLN A 193 7.11 -21.20 -0.34
CA GLN A 193 7.23 -20.96 1.10
C GLN A 193 7.07 -19.49 1.43
N ILE A 194 7.76 -18.61 0.70
CA ILE A 194 7.63 -17.18 0.97
C ILE A 194 6.20 -16.72 0.76
N PHE A 195 5.57 -17.19 -0.32
CA PHE A 195 4.17 -16.83 -0.58
C PHE A 195 3.27 -17.32 0.54
N HIS A 196 3.49 -18.54 1.03
CA HIS A 196 2.62 -19.04 2.07
C HIS A 196 2.76 -18.24 3.35
N TRP A 197 4.01 -18.01 3.79
CA TRP A 197 4.24 -17.22 5.00
C TRP A 197 3.65 -15.82 4.86
N THR A 198 3.93 -15.15 3.73
CA THR A 198 3.40 -13.82 3.49
C THR A 198 1.88 -13.80 3.54
N ASN A 199 1.22 -14.76 2.89
CA ASN A 199 -0.24 -14.82 2.91
C ASN A 199 -0.80 -14.97 4.31
N VAL A 200 -0.15 -15.81 5.13
CA VAL A 200 -0.63 -15.96 6.51
C VAL A 200 -0.49 -14.64 7.25
N ILE A 201 0.66 -13.98 7.08
CA ILE A 201 0.87 -12.69 7.74
C ILE A 201 -0.18 -11.67 7.27
N LEU A 202 -0.34 -11.52 5.97
CA LEU A 202 -1.34 -10.56 5.48
C LEU A 202 -2.75 -10.96 5.87
N GLY A 203 -3.02 -12.27 5.98
CA GLY A 203 -4.36 -12.72 6.28
C GLY A 203 -4.79 -12.58 7.72
N PHE A 204 -3.88 -12.20 8.62
CA PHE A 204 -4.17 -12.27 10.04
C PHE A 204 -5.20 -11.22 10.45
N GLY A 205 -5.04 -9.97 9.98
CA GLY A 205 -5.99 -8.91 10.29
C GLY A 205 -7.35 -9.01 9.64
N ASP A 206 -7.55 -10.00 8.75
CA ASP A 206 -8.79 -10.28 8.02
C ASP A 206 -9.42 -11.56 8.56
N PRO A 207 -10.74 -11.58 8.78
CA PRO A 207 -11.39 -12.78 9.35
C PRO A 207 -11.31 -14.03 8.48
N ASP A 208 -12.25 -14.19 7.55
CA ASP A 208 -12.46 -15.40 6.74
C ASP A 208 -11.23 -16.27 6.57
N LEU A 209 -11.36 -17.56 6.90
CA LEU A 209 -10.29 -18.55 7.12
C LEU A 209 -9.91 -18.58 8.60
N THR A 210 -10.31 -17.56 9.35
CA THR A 210 -10.08 -17.45 10.80
C THR A 210 -8.63 -17.73 11.16
N THR A 211 -7.81 -16.68 11.19
CA THR A 211 -6.36 -16.82 11.21
C THR A 211 -5.88 -16.94 12.65
N ASP A 212 -5.20 -18.04 12.95
CA ASP A 212 -4.85 -18.39 14.32
C ASP A 212 -3.55 -17.69 14.75
N PHE A 213 -3.58 -17.06 15.94
CA PHE A 213 -2.43 -16.26 16.39
C PHE A 213 -1.16 -17.09 16.54
N ASP A 214 -1.27 -18.30 17.07
CA ASP A 214 -0.10 -19.16 17.19
C ASP A 214 0.51 -19.45 15.83
N GLU A 215 -0.32 -19.74 14.83
CA GLU A 215 0.21 -19.90 13.48
C GLU A 215 0.82 -18.60 12.98
N PHE A 216 0.19 -17.47 13.26
CA PHE A 216 0.73 -16.20 12.81
C PHE A 216 2.10 -15.95 13.44
N LEU A 217 2.23 -16.24 14.73
CA LEU A 217 3.51 -16.01 15.39
C LEU A 217 4.57 -16.96 14.83
N GLN A 218 4.21 -18.23 14.62
CA GLN A 218 5.17 -19.19 14.10
C GLN A 218 5.63 -18.83 12.69
N VAL A 219 4.71 -18.43 11.80
CA VAL A 219 5.15 -18.05 10.46
C VAL A 219 5.96 -16.76 10.50
N SER A 220 5.63 -15.83 11.41
N SER A 220 5.60 -15.83 11.39
CA SER A 220 6.36 -14.57 11.47
CA SER A 220 6.36 -14.58 11.48
C SER A 220 7.79 -14.80 11.95
C SER A 220 7.81 -14.85 11.88
N MET A 221 8.02 -15.81 12.78
CA MET A 221 9.38 -16.11 13.15
C MET A 221 10.10 -16.87 12.05
N ALA A 222 9.38 -17.75 11.34
CA ALA A 222 9.99 -18.54 10.28
C ALA A 222 10.49 -17.66 9.13
N ILE A 223 9.67 -16.70 8.67
CA ILE A 223 10.13 -15.83 7.61
C ILE A 223 11.28 -14.95 8.06
N GLY A 224 11.23 -14.48 9.32
CA GLY A 224 12.39 -13.75 9.87
C GLY A 224 13.65 -14.60 9.87
N GLY A 225 13.55 -15.85 10.32
CA GLY A 225 14.72 -16.72 10.32
C GLY A 225 15.23 -17.03 8.93
N TYR A 226 14.30 -17.18 7.96
CA TYR A 226 14.71 -17.37 6.58
C TYR A 226 15.54 -16.18 6.12
N ALA A 227 15.05 -14.96 6.41
CA ALA A 227 15.74 -13.78 5.93
C ALA A 227 17.08 -13.57 6.62
N THR A 228 17.17 -13.88 7.92
CA THR A 228 18.48 -13.76 8.57
C THR A 228 19.48 -14.72 7.95
N ALA A 229 19.03 -15.94 7.61
CA ALA A 229 19.90 -16.94 6.99
C ALA A 229 20.28 -16.54 5.57
N LEU A 230 19.35 -15.89 4.85
CA LEU A 230 19.66 -15.40 3.52
C LEU A 230 20.74 -14.33 3.62
N ALA A 231 20.58 -13.40 4.56
CA ALA A 231 21.58 -12.35 4.74
C ALA A 231 22.94 -12.91 5.13
N ASP A 232 22.93 -13.91 6.03
CA ASP A 232 24.19 -14.49 6.47
C ASP A 232 24.88 -15.21 5.32
N ASP A 233 24.10 -15.85 4.43
CA ASP A 233 24.69 -16.45 3.24
C ASP A 233 25.41 -15.43 2.37
N ARG A 234 24.83 -14.23 2.22
CA ARG A 234 25.45 -13.23 1.35
C ARG A 234 26.69 -12.60 1.98
N ARG A 235 26.82 -12.66 3.30
CA ARG A 235 28.07 -12.24 3.94
C ARG A 235 29.21 -13.10 3.45
N VAL A 236 28.94 -14.38 3.16
CA VAL A 236 29.98 -15.30 2.71
C VAL A 236 30.06 -15.34 1.19
N ASN A 237 28.91 -15.32 0.51
CA ASN A 237 28.81 -15.51 -0.93
C ASN A 237 28.12 -14.28 -1.51
N HIS A 238 28.90 -13.34 -2.01
CA HIS A 238 28.33 -12.12 -2.55
C HIS A 238 27.61 -12.39 -3.86
N HIS A 239 26.42 -11.82 -4.02
CA HIS A 239 25.69 -11.88 -5.27
C HIS A 239 25.23 -10.49 -5.67
N GLY A 240 24.65 -10.40 -6.87
CA GLY A 240 24.25 -9.10 -7.37
C GLY A 240 22.86 -8.68 -6.96
N ASP A 241 22.45 -9.02 -5.74
CA ASP A 241 21.10 -8.80 -5.26
C ASP A 241 21.05 -7.76 -4.15
N LEU A 242 19.84 -7.39 -3.76
CA LEU A 242 19.69 -6.39 -2.70
C LEU A 242 20.15 -6.93 -1.35
N THR A 243 19.97 -8.23 -1.11
CA THR A 243 20.44 -8.80 0.16
C THR A 243 21.94 -8.56 0.35
N THR A 244 22.72 -8.80 -0.70
CA THR A 244 24.17 -8.59 -0.60
C THR A 244 24.48 -7.11 -0.41
N SER A 245 23.81 -6.22 -1.17
CA SER A 245 24.09 -4.80 -1.00
C SER A 245 23.65 -4.29 0.37
N LEU A 246 22.61 -4.86 0.96
CA LEU A 246 22.22 -4.51 2.33
C LEU A 246 23.27 -4.93 3.35
N VAL A 247 23.85 -6.12 3.20
CA VAL A 247 24.94 -6.56 4.12
C VAL A 247 26.18 -5.70 3.94
N GLU A 248 26.43 -5.18 2.74
CA GLU A 248 27.64 -4.40 2.49
C GLU A 248 27.49 -2.90 2.73
N ALA A 249 26.27 -2.37 2.75
CA ALA A 249 26.07 -0.95 2.86
C ALA A 249 26.52 -0.43 4.23
N GLU A 250 26.94 0.84 4.26
CA GLU A 250 27.45 1.44 5.49
C GLU A 250 27.22 2.95 5.45
N VAL A 251 26.80 3.52 6.57
CA VAL A 251 26.71 4.97 6.73
C VAL A 251 27.38 5.32 8.04
N ASP A 252 28.40 6.18 7.99
CA ASP A 252 29.08 6.63 9.22
C ASP A 252 29.58 5.47 10.07
N GLY A 253 30.09 4.42 9.41
CA GLY A 253 30.59 3.26 10.11
C GLY A 253 29.53 2.29 10.58
N GLU A 254 28.25 2.61 10.44
CA GLU A 254 27.18 1.71 10.87
C GLU A 254 26.72 0.86 9.68
N ARG A 255 26.58 -0.43 9.93
CA ARG A 255 26.08 -1.40 8.99
C ARG A 255 24.84 -2.06 9.58
N LEU A 256 24.15 -2.85 8.75
CA LEU A 256 22.94 -3.52 9.18
C LEU A 256 23.28 -4.93 9.64
N SER A 257 22.73 -5.33 10.78
CA SER A 257 22.78 -6.73 11.19
C SER A 257 21.82 -7.55 10.37
N SER A 258 22.01 -8.87 10.40
CA SER A 258 21.12 -9.76 9.68
C SER A 258 19.70 -9.67 10.22
N SER A 259 19.56 -9.48 11.54
N SER A 259 19.51 -9.44 11.52
CA SER A 259 18.25 -9.26 12.13
CA SER A 259 18.13 -9.32 11.97
C SER A 259 17.57 -8.03 11.53
C SER A 259 17.51 -7.98 11.60
N GLU A 260 18.30 -6.92 11.44
CA GLU A 260 17.72 -5.69 10.89
C GLU A 260 17.30 -5.89 9.44
N ILE A 261 18.11 -6.60 8.65
CA ILE A 261 17.75 -6.88 7.27
C ILE A 261 16.48 -7.72 7.22
N ALA A 262 16.36 -8.70 8.12
CA ALA A 262 15.15 -9.52 8.16
C ALA A 262 13.91 -8.68 8.49
N MET A 263 14.02 -7.73 9.42
CA MET A 263 12.87 -6.90 9.71
C MET A 263 12.51 -6.01 8.53
N PHE A 264 13.52 -5.50 7.81
CA PHE A 264 13.20 -4.72 6.63
C PHE A 264 12.52 -5.58 5.57
N PHE A 265 12.97 -6.82 5.39
CA PHE A 265 12.29 -7.75 4.48
C PHE A 265 10.84 -7.99 4.87
N ILE A 266 10.57 -8.18 6.17
CA ILE A 266 9.21 -8.38 6.62
C ILE A 266 8.34 -7.16 6.37
N LEU A 267 8.92 -5.96 6.55
CA LEU A 267 8.19 -4.75 6.16
C LEU A 267 7.88 -4.79 4.67
N LEU A 268 8.86 -5.13 3.83
CA LEU A 268 8.67 -5.12 2.38
C LEU A 268 7.54 -6.05 1.94
N VAL A 269 7.48 -7.27 2.47
CA VAL A 269 6.46 -8.20 2.00
C VAL A 269 5.07 -7.77 2.42
N VAL A 270 4.96 -6.75 3.25
CA VAL A 270 3.67 -6.11 3.50
C VAL A 270 3.59 -4.82 2.74
N ALA A 271 4.43 -3.83 3.12
CA ALA A 271 4.33 -2.47 2.63
C ALA A 271 4.58 -2.34 1.14
N GLY A 272 5.43 -3.18 0.56
CA GLY A 272 5.74 -3.10 -0.86
C GLY A 272 4.92 -4.05 -1.69
N ASN A 273 3.95 -4.71 -1.08
CA ASN A 273 3.33 -5.86 -1.70
C ASN A 273 1.82 -5.70 -1.80
N GLU A 274 1.11 -5.70 -0.66
CA GLU A 274 -0.35 -5.59 -0.74
C GLU A 274 -0.78 -4.21 -1.25
N THR A 275 0.04 -3.18 -1.02
CA THR A 275 -0.26 -1.85 -1.55
C THR A 275 -0.28 -1.86 -3.07
N THR A 276 0.81 -2.31 -3.70
CA THR A 276 0.88 -2.36 -5.16
C THR A 276 -0.22 -3.24 -5.74
N ARG A 277 -0.44 -4.41 -5.13
CA ARG A 277 -1.53 -5.30 -5.53
C ARG A 277 -2.85 -4.54 -5.67
N ASN A 278 -3.18 -3.74 -4.66
CA ASN A 278 -4.46 -3.07 -4.65
C ASN A 278 -4.50 -1.84 -5.56
N ALA A 279 -3.35 -1.19 -5.81
CA ALA A 279 -3.31 -0.18 -6.85
C ALA A 279 -3.61 -0.81 -8.21
N ILE A 280 -3.05 -2.00 -8.46
CA ILE A 280 -3.29 -2.67 -9.74
C ILE A 280 -4.76 -3.05 -9.91
N SER A 281 -5.33 -3.71 -8.90
CA SER A 281 -6.73 -4.14 -8.98
C SER A 281 -7.68 -2.96 -9.10
N HIS A 282 -7.48 -1.92 -8.28
CA HIS A 282 -8.32 -0.75 -8.39
C HIS A 282 -8.11 -0.03 -9.71
N GLY A 283 -6.90 -0.03 -10.26
CA GLY A 283 -6.69 0.56 -11.56
C GLY A 283 -7.41 -0.21 -12.66
N MET A 284 -7.37 -1.54 -12.60
CA MET A 284 -8.10 -2.30 -13.61
C MET A 284 -9.59 -2.07 -13.48
N LEU A 285 -10.08 -1.98 -12.24
CA LEU A 285 -11.50 -1.68 -12.03
C LEU A 285 -11.88 -0.32 -12.62
N ALA A 286 -11.11 0.73 -12.32
CA ALA A 286 -11.42 2.06 -12.82
C ALA A 286 -11.35 2.10 -14.34
N LEU A 287 -10.35 1.46 -14.95
CA LEU A 287 -10.25 1.45 -16.40
C LEU A 287 -11.38 0.67 -17.04
N SER A 288 -11.99 -0.27 -16.31
CA SER A 288 -13.14 -1.00 -16.81
C SER A 288 -14.42 -0.18 -16.68
N ARG A 289 -14.56 0.53 -15.56
CA ARG A 289 -15.73 1.37 -15.34
C ARG A 289 -15.77 2.57 -16.28
N TYR A 290 -14.61 3.11 -16.63
CA TYR A 290 -14.51 4.35 -17.40
C TYR A 290 -13.73 4.06 -18.67
N PRO A 291 -14.38 3.40 -19.65
CA PRO A 291 -13.63 2.91 -20.82
C PRO A 291 -13.02 4.00 -21.69
N ASP A 292 -13.54 5.23 -21.65
CA ASP A 292 -12.88 6.32 -22.38
C ASP A 292 -11.46 6.53 -21.86
N GLU A 293 -11.24 6.32 -20.57
CA GLU A 293 -9.90 6.53 -20.01
C GLU A 293 -8.97 5.42 -20.44
N ARG A 294 -9.46 4.18 -20.51
CA ARG A 294 -8.65 3.12 -21.06
C ARG A 294 -8.32 3.39 -22.52
N ALA A 295 -9.32 3.85 -23.30
CA ALA A 295 -9.05 4.11 -24.72
C ALA A 295 -7.99 5.18 -24.89
N LYS A 296 -8.08 6.27 -24.12
CA LYS A 296 -7.07 7.33 -24.18
C LYS A 296 -5.69 6.81 -23.82
N TRP A 297 -5.59 6.08 -22.70
CA TRP A 297 -4.30 5.56 -22.34
C TRP A 297 -3.80 4.58 -23.37
N TRP A 298 -4.68 3.71 -23.86
CA TRP A 298 -4.26 2.66 -24.84
C TRP A 298 -3.87 3.33 -26.17
N SER A 299 -4.22 4.55 -26.41
N SER A 299 -4.25 4.54 -26.42
CA SER A 299 -3.90 5.21 -27.67
CA SER A 299 -3.93 5.23 -27.66
C SER A 299 -2.59 5.97 -27.62
C SER A 299 -2.57 5.93 -27.62
N ASP A 300 -2.03 6.18 -26.43
CA ASP A 300 -0.77 6.89 -26.28
C ASP A 300 -0.18 6.41 -24.98
N PHE A 301 0.27 5.14 -24.96
CA PHE A 301 0.57 4.51 -23.67
C PHE A 301 1.76 5.16 -22.99
N ASP A 302 2.87 5.31 -23.71
CA ASP A 302 4.05 5.88 -23.05
C ASP A 302 3.84 7.35 -22.74
N GLY A 303 3.12 8.06 -23.59
CA GLY A 303 2.93 9.48 -23.40
C GLY A 303 2.07 9.82 -22.20
N LEU A 304 1.08 8.96 -21.89
CA LEU A 304 0.16 9.21 -20.80
C LEU A 304 0.51 8.41 -19.55
N ALA A 305 1.54 7.58 -19.59
CA ALA A 305 1.79 6.66 -18.48
C ALA A 305 1.96 7.40 -17.16
N ALA A 306 2.74 8.49 -17.15
CA ALA A 306 3.04 9.13 -15.87
C ALA A 306 1.78 9.69 -15.21
N THR A 307 0.95 10.39 -15.98
CA THR A 307 -0.29 10.88 -15.41
C THR A 307 -1.29 9.76 -15.15
N ALA A 308 -1.31 8.71 -15.98
CA ALA A 308 -2.27 7.63 -15.72
C ALA A 308 -1.95 6.88 -14.44
N VAL A 309 -0.67 6.57 -14.23
CA VAL A 309 -0.27 5.86 -13.02
C VAL A 309 -0.53 6.71 -11.80
N GLU A 310 -0.21 8.01 -11.88
CA GLU A 310 -0.43 8.85 -10.72
C GLU A 310 -1.91 8.93 -10.36
N GLU A 311 -2.78 8.97 -11.39
CA GLU A 311 -4.22 8.95 -11.19
C GLU A 311 -4.69 7.63 -10.62
N ILE A 312 -4.07 6.51 -11.01
CA ILE A 312 -4.47 5.24 -10.41
C ILE A 312 -4.16 5.26 -8.93
N VAL A 313 -3.00 5.79 -8.55
CA VAL A 313 -2.66 5.84 -7.12
C VAL A 313 -3.59 6.78 -6.37
N ARG A 314 -3.88 7.98 -6.91
CA ARG A 314 -4.84 8.86 -6.26
C ARG A 314 -6.19 8.18 -6.12
N TRP A 315 -6.64 7.52 -7.18
CA TRP A 315 -7.98 6.90 -7.15
C TRP A 315 -8.05 5.76 -6.16
N ALA A 316 -7.05 4.90 -6.17
CA ALA A 316 -7.06 3.68 -5.37
C ALA A 316 -6.78 3.97 -3.91
N SER A 317 -5.89 4.96 -3.62
CA SER A 317 -5.34 5.20 -2.28
C SER A 317 -5.21 3.90 -1.52
N PRO A 318 -4.31 3.01 -1.95
CA PRO A 318 -4.26 1.64 -1.36
C PRO A 318 -4.05 1.66 0.13
N VAL A 319 -3.27 2.60 0.64
CA VAL A 319 -3.13 2.82 2.08
C VAL A 319 -4.18 3.86 2.47
N VAL A 320 -5.18 3.42 3.25
CA VAL A 320 -6.29 4.27 3.62
C VAL A 320 -5.84 5.36 4.60
N TYR A 321 -5.04 5.00 5.60
CA TYR A 321 -4.59 5.96 6.59
C TYR A 321 -3.25 5.49 7.13
N MET A 322 -2.54 6.43 7.77
CA MET A 322 -1.44 6.12 8.68
C MET A 322 -1.63 6.88 9.98
N ARG A 323 -1.18 6.24 11.08
CA ARG A 323 -1.38 6.81 12.42
C ARG A 323 -0.09 7.39 12.99
N ARG A 324 -0.20 8.52 13.67
CA ARG A 324 0.88 9.19 14.35
C ARG A 324 0.50 9.35 15.82
N THR A 325 1.47 9.76 16.63
CA THR A 325 1.22 10.00 18.05
C THR A 325 1.86 11.34 18.41
N LEU A 326 1.10 12.22 19.05
CA LEU A 326 1.57 13.58 19.33
C LEU A 326 2.60 13.59 20.46
N SER A 327 3.70 14.29 20.25
CA SER A 327 4.73 14.52 21.27
C SER A 327 4.50 15.80 22.05
N GLN A 328 3.50 16.58 21.68
CA GLN A 328 3.23 17.87 22.30
C GLN A 328 1.87 18.33 21.83
N ASP A 329 1.29 19.25 22.58
CA ASP A 329 -0.03 19.77 22.26
C ASP A 329 -0.02 20.48 20.91
N VAL A 330 -1.11 20.35 20.16
CA VAL A 330 -1.27 20.94 18.83
C VAL A 330 -2.61 21.64 18.73
N ASP A 331 -2.63 22.79 18.08
CA ASP A 331 -3.88 23.51 17.80
C ASP A 331 -3.88 23.78 16.29
N LEU A 332 -4.67 23.03 15.55
CA LEU A 332 -4.77 23.35 14.13
C LEU A 332 -6.22 23.28 13.68
N ARG A 333 -6.60 24.20 12.80
CA ARG A 333 -8.01 24.47 12.49
C ARG A 333 -8.81 24.72 13.76
N GLY A 334 -8.16 25.39 14.72
CA GLY A 334 -8.83 25.70 15.97
C GLY A 334 -9.13 24.51 16.84
N THR A 335 -8.69 23.31 16.47
CA THR A 335 -9.00 22.10 17.22
C THR A 335 -7.77 21.77 18.06
N LYS A 336 -7.95 21.64 19.36
CA LYS A 336 -6.84 21.42 20.27
C LYS A 336 -6.66 19.92 20.50
N MET A 337 -5.48 19.42 20.17
CA MET A 337 -5.11 18.01 20.35
C MET A 337 -3.95 17.95 21.33
N ALA A 338 -4.03 17.00 22.27
CA ALA A 338 -3.13 16.92 23.40
C ALA A 338 -1.96 15.99 23.14
N ALA A 339 -0.77 16.39 23.60
CA ALA A 339 0.38 15.49 23.65
C ALA A 339 -0.04 14.10 24.07
N GLY A 340 0.47 13.08 23.37
CA GLY A 340 0.12 11.71 23.63
C GLY A 340 -1.10 11.19 22.87
N ASP A 341 -1.93 12.06 22.31
CA ASP A 341 -3.07 11.61 21.53
C ASP A 341 -2.62 10.97 20.23
N LYS A 342 -3.41 10.01 19.74
CA LYS A 342 -3.20 9.44 18.42
C LYS A 342 -3.85 10.33 17.37
N VAL A 343 -3.24 10.39 16.19
CA VAL A 343 -3.76 11.15 15.05
C VAL A 343 -3.71 10.26 13.82
N THR A 344 -4.76 10.30 13.00
CA THR A 344 -4.81 9.48 11.80
C THR A 344 -4.87 10.36 10.57
N LEU A 345 -4.08 10.01 9.56
CA LEU A 345 -3.96 10.73 8.30
C LEU A 345 -4.72 9.96 7.24
N TRP A 346 -5.91 10.46 6.87
CA TRP A 346 -6.82 9.72 5.99
C TRP A 346 -6.49 10.09 4.55
N TYR A 347 -5.51 9.40 3.96
CA TYR A 347 -5.14 9.68 2.56
C TYR A 347 -6.31 9.47 1.62
N CYS A 348 -7.19 8.49 1.91
CA CYS A 348 -8.36 8.28 1.07
C CYS A 348 -9.20 9.54 0.96
N SER A 349 -9.22 10.37 1.99
CA SER A 349 -9.96 11.62 2.03
C SER A 349 -9.16 12.76 1.39
N ALA A 350 -7.86 12.89 1.75
CA ALA A 350 -7.03 13.92 1.15
C ALA A 350 -7.00 13.80 -0.36
N ASN A 351 -7.10 12.57 -0.89
CA ASN A 351 -7.06 12.35 -2.32
C ASN A 351 -8.39 12.64 -2.99
N ARG A 352 -9.36 13.18 -2.24
CA ARG A 352 -10.60 13.70 -2.80
C ARG A 352 -10.86 15.13 -2.34
N ASP A 353 -9.85 15.80 -1.77
CA ASP A 353 -10.06 17.12 -1.20
C ASP A 353 -10.40 18.14 -2.30
N GLU A 354 -11.60 18.73 -2.20
CA GLU A 354 -12.14 19.66 -3.19
C GLU A 354 -11.33 20.94 -3.25
N GLU A 355 -10.56 21.23 -2.20
CA GLU A 355 -9.69 22.39 -2.22
C GLU A 355 -8.43 22.17 -3.04
N LYS A 356 -8.03 20.92 -3.26
CA LYS A 356 -6.80 20.65 -3.99
C LYS A 356 -6.98 20.09 -5.38
N PHE A 357 -8.07 19.36 -5.65
CA PHE A 357 -8.21 18.70 -6.94
C PHE A 357 -9.46 19.24 -7.60
N ALA A 358 -9.30 19.78 -8.79
CA ALA A 358 -10.47 20.07 -9.62
C ALA A 358 -11.15 18.76 -9.99
N ASP A 359 -12.47 18.75 -9.96
CA ASP A 359 -13.25 17.57 -10.35
C ASP A 359 -12.72 16.31 -9.67
N PRO A 360 -12.76 16.27 -8.34
CA PRO A 360 -12.12 15.16 -7.64
C PRO A 360 -12.75 13.81 -7.91
N TRP A 361 -14.01 13.79 -8.36
CA TRP A 361 -14.78 12.57 -8.58
C TRP A 361 -14.63 12.03 -10.00
N THR A 362 -13.77 12.65 -10.79
CA THR A 362 -13.48 12.18 -12.13
C THR A 362 -12.16 11.42 -12.12
N PHE A 363 -12.20 10.17 -12.61
CA PHE A 363 -10.97 9.42 -12.85
C PHE A 363 -10.44 9.85 -14.21
N ASP A 364 -9.29 10.55 -14.22
CA ASP A 364 -8.80 11.27 -15.40
C ASP A 364 -7.34 10.88 -15.59
N VAL A 365 -7.07 10.04 -16.59
CA VAL A 365 -5.71 9.54 -16.77
C VAL A 365 -4.74 10.60 -17.31
N THR A 366 -5.24 11.80 -17.64
CA THR A 366 -4.42 12.94 -18.04
C THR A 366 -4.31 13.99 -16.93
N ARG A 367 -4.79 13.69 -15.73
CA ARG A 367 -4.89 14.69 -14.68
C ARG A 367 -3.54 15.34 -14.40
N ASN A 368 -3.52 16.68 -14.45
CA ASN A 368 -2.26 17.39 -14.16
C ASN A 368 -2.70 18.80 -13.82
N PRO A 369 -2.31 19.31 -12.65
CA PRO A 369 -1.45 18.69 -11.64
C PRO A 369 -2.17 17.56 -10.91
N ASN A 370 -1.43 16.79 -10.14
CA ASN A 370 -2.02 15.68 -9.37
C ASN A 370 -1.22 15.54 -8.08
N PRO A 371 -1.47 16.41 -7.09
CA PRO A 371 -0.72 16.40 -5.83
C PRO A 371 -1.19 15.30 -4.89
N GLN A 372 -1.25 14.09 -5.42
CA GLN A 372 -1.85 13.02 -4.63
C GLN A 372 -0.92 12.54 -3.51
N VAL A 373 -1.53 12.10 -2.42
CA VAL A 373 -0.77 11.72 -1.23
C VAL A 373 -0.95 10.23 -0.92
N GLY A 374 -1.22 9.43 -1.95
CA GLY A 374 -1.31 7.97 -1.72
C GLY A 374 -0.03 7.32 -1.23
N PHE A 375 1.14 7.92 -1.51
CA PHE A 375 2.41 7.48 -0.97
C PHE A 375 2.77 8.24 0.29
N GLY A 376 1.80 8.93 0.88
CA GLY A 376 2.00 9.77 2.05
C GLY A 376 2.00 11.24 1.67
N GLY A 377 1.96 12.06 2.70
CA GLY A 377 1.91 13.49 2.50
C GLY A 377 3.22 14.17 2.17
N GLY A 378 4.31 13.43 2.12
CA GLY A 378 5.64 13.98 1.94
C GLY A 378 6.46 13.85 3.22
N GLY A 379 7.70 14.22 3.09
CA GLY A 379 8.54 14.28 4.28
C GLY A 379 9.27 12.99 4.62
N ALA A 380 9.59 12.83 5.91
CA ALA A 380 10.64 11.90 6.33
C ALA A 380 10.34 10.45 5.97
N HIS A 381 9.07 10.06 6.03
CA HIS A 381 8.69 8.66 5.81
C HIS A 381 8.12 8.43 4.41
N PHE A 382 8.22 9.41 3.50
CA PHE A 382 7.66 9.25 2.16
C PHE A 382 8.04 7.89 1.57
N CYS A 383 7.05 7.18 1.01
CA CYS A 383 7.23 5.80 0.57
C CYS A 383 8.56 5.60 -0.12
N LEU A 384 9.38 4.69 0.43
CA LEU A 384 10.70 4.44 -0.11
C LEU A 384 10.61 3.83 -1.50
N GLY A 385 9.52 3.12 -1.79
CA GLY A 385 9.39 2.44 -3.06
C GLY A 385 8.46 3.12 -4.03
N ALA A 386 8.22 4.43 -3.90
CA ALA A 386 7.19 5.05 -4.72
C ALA A 386 7.48 4.88 -6.21
N ASN A 387 8.74 5.11 -6.63
CA ASN A 387 9.02 5.01 -8.05
C ASN A 387 8.96 3.56 -8.52
N LEU A 388 9.31 2.63 -7.65
CA LEU A 388 9.13 1.21 -7.98
C LEU A 388 7.64 0.88 -8.14
N ALA A 389 6.80 1.34 -7.20
CA ALA A 389 5.36 1.12 -7.32
C ALA A 389 4.82 1.66 -8.64
N ARG A 390 5.21 2.91 -8.99
CA ARG A 390 4.76 3.51 -10.25
C ARG A 390 5.21 2.65 -11.43
N ARG A 391 6.43 2.14 -11.40
CA ARG A 391 6.91 1.26 -12.47
C ARG A 391 6.13 -0.03 -12.56
N GLU A 392 5.90 -0.69 -11.42
CA GLU A 392 5.05 -1.89 -11.42
C GLU A 392 3.68 -1.64 -12.06
N ILE A 393 3.02 -0.55 -11.68
CA ILE A 393 1.71 -0.24 -12.26
C ILE A 393 1.82 0.00 -13.75
N ARG A 394 2.79 0.85 -14.17
CA ARG A 394 2.91 1.13 -15.60
C ARG A 394 3.16 -0.15 -16.40
N VAL A 395 4.10 -0.96 -15.94
CA VAL A 395 4.54 -2.12 -16.70
C VAL A 395 3.43 -3.17 -16.77
N VAL A 396 2.71 -3.39 -15.67
CA VAL A 396 1.65 -4.39 -15.73
C VAL A 396 0.54 -3.96 -16.71
N PHE A 397 0.15 -2.67 -16.74
CA PHE A 397 -0.85 -2.26 -17.69
C PHE A 397 -0.31 -2.28 -19.10
N ASP A 398 1.01 -2.06 -19.24
CA ASP A 398 1.63 -2.18 -20.59
C ASP A 398 1.42 -3.61 -21.08
N GLU A 399 1.76 -4.59 -20.25
CA GLU A 399 1.68 -6.00 -20.67
C GLU A 399 0.25 -6.42 -20.93
N LEU A 400 -0.70 -5.91 -20.15
CA LEU A 400 -2.10 -6.19 -20.43
C LEU A 400 -2.50 -5.58 -21.77
N ARG A 401 -2.10 -4.32 -22.01
CA ARG A 401 -2.43 -3.65 -23.26
C ARG A 401 -1.86 -4.41 -24.44
N ARG A 402 -0.64 -4.93 -24.32
CA ARG A 402 -0.01 -5.62 -25.44
C ARG A 402 -0.62 -7.00 -25.66
N GLN A 403 -0.85 -7.76 -24.59
CA GLN A 403 -1.21 -9.17 -24.75
C GLN A 403 -2.71 -9.44 -24.75
N MET A 404 -3.51 -8.59 -24.15
CA MET A 404 -4.96 -8.76 -24.00
C MET A 404 -5.63 -7.41 -23.87
N PRO A 405 -5.54 -6.58 -24.92
CA PRO A 405 -5.94 -5.18 -24.80
C PRO A 405 -7.37 -4.97 -24.40
N ASP A 406 -8.28 -5.93 -24.62
CA ASP A 406 -9.68 -5.72 -24.25
C ASP A 406 -10.06 -6.29 -22.88
N VAL A 407 -9.06 -6.69 -22.09
CA VAL A 407 -9.30 -7.23 -20.75
C VAL A 407 -10.14 -6.25 -19.95
N VAL A 408 -11.13 -6.77 -19.24
CA VAL A 408 -12.07 -5.94 -18.52
C VAL A 408 -12.58 -6.69 -17.29
N ALA A 409 -12.79 -5.97 -16.20
CA ALA A 409 -13.48 -6.53 -15.03
C ALA A 409 -14.93 -6.83 -15.40
N THR A 410 -15.42 -7.97 -14.96
CA THR A 410 -16.76 -8.43 -15.31
C THR A 410 -17.74 -8.42 -14.17
N GLU A 411 -17.29 -8.21 -12.93
CA GLU A 411 -18.14 -8.21 -11.76
C GLU A 411 -17.62 -7.17 -10.78
N GLU A 412 -18.48 -6.70 -9.91
CA GLU A 412 -17.98 -5.91 -8.78
C GLU A 412 -16.99 -6.72 -7.96
N PRO A 413 -15.96 -6.09 -7.41
CA PRO A 413 -14.95 -6.85 -6.66
C PRO A 413 -15.51 -7.35 -5.34
N ALA A 414 -14.92 -8.44 -4.86
CA ALA A 414 -15.06 -8.81 -3.47
C ALA A 414 -14.11 -7.95 -2.68
N ARG A 415 -14.63 -7.16 -1.74
CA ARG A 415 -13.81 -6.16 -1.04
C ARG A 415 -13.23 -6.74 0.23
N LEU A 416 -11.99 -6.38 0.54
CA LEU A 416 -11.41 -6.69 1.83
C LEU A 416 -12.06 -5.82 2.91
N LEU A 417 -12.39 -6.41 4.04
CA LEU A 417 -12.93 -5.64 5.16
C LEU A 417 -11.74 -5.12 5.96
N SER A 418 -11.43 -3.84 5.81
CA SER A 418 -10.22 -3.30 6.41
C SER A 418 -10.38 -1.80 6.58
N GLN A 419 -9.84 -1.30 7.68
CA GLN A 419 -9.74 0.14 7.89
C GLN A 419 -8.45 0.70 7.31
N PHE A 420 -7.45 -0.13 7.10
CA PHE A 420 -6.10 0.31 6.79
C PHE A 420 -5.75 0.14 5.33
N ILE A 421 -6.26 -0.90 4.68
CA ILE A 421 -5.89 -1.26 3.31
C ILE A 421 -7.15 -1.19 2.47
N HIS A 422 -7.06 -0.53 1.30
CA HIS A 422 -8.21 -0.43 0.40
C HIS A 422 -8.18 -1.64 -0.54
N GLY A 423 -8.63 -2.77 -0.02
CA GLY A 423 -8.25 -4.07 -0.56
C GLY A 423 -9.34 -4.70 -1.42
N ILE A 424 -8.90 -5.39 -2.46
CA ILE A 424 -9.79 -6.17 -3.31
C ILE A 424 -9.33 -7.61 -3.18
N LYS A 425 -10.22 -8.49 -2.71
N LYS A 425 -10.22 -8.49 -2.71
CA LYS A 425 -9.89 -9.89 -2.53
CA LYS A 425 -9.89 -9.89 -2.53
C LYS A 425 -9.96 -10.66 -3.84
C LYS A 425 -9.97 -10.67 -3.83
N ARG A 426 -10.95 -10.35 -4.67
CA ARG A 426 -11.15 -11.02 -5.95
C ARG A 426 -11.67 -10.01 -6.96
N LEU A 427 -11.17 -10.10 -8.19
CA LEU A 427 -11.64 -9.24 -9.28
C LEU A 427 -11.72 -10.07 -10.55
N PRO A 428 -12.88 -10.64 -10.86
CA PRO A 428 -13.04 -11.34 -12.13
C PRO A 428 -12.80 -10.45 -13.33
N VAL A 429 -12.00 -10.94 -14.28
CA VAL A 429 -11.80 -10.28 -15.55
C VAL A 429 -12.04 -11.27 -16.69
N ALA A 430 -12.24 -10.70 -17.89
CA ALA A 430 -12.31 -11.52 -19.09
C ALA A 430 -11.65 -10.81 -20.27
N TRP A 431 -11.14 -11.60 -21.19
CA TRP A 431 -10.48 -11.06 -22.37
C TRP A 431 -10.73 -11.96 -23.57
N SER A 432 -10.52 -11.39 -24.75
CA SER A 432 -10.51 -12.16 -25.98
C SER A 432 -9.10 -12.15 -26.58
N ARG A 433 -8.95 -12.82 -27.71
CA ARG A 433 -7.75 -12.69 -28.55
C ARG A 433 -7.40 -11.23 -28.73
C1 PEG B . 2.83 -17.54 -8.19
O1 PEG B . 3.20 -18.24 -7.03
C2 PEG B . 1.32 -17.50 -8.34
O2 PEG B . 0.96 -17.09 -9.63
C3 PEG B . 0.60 -18.15 -10.47
C4 PEG B . -0.92 -18.33 -10.53
O4 PEG B . -1.21 -19.56 -11.15
C1 PGE C . -14.27 -9.36 -22.68
O1 PGE C . -14.41 -8.45 -23.76
C2 PGE C . -15.11 -10.58 -23.00
O2 PGE C . -14.28 -11.49 -23.70
C3 PGE C . -14.93 -12.65 -24.16
C4 PGE C . -14.32 -13.86 -23.49
O4 PGE C . -17.48 -15.66 -21.49
C6 PGE C . -16.25 -15.37 -20.82
C5 PGE C . -15.12 -15.35 -21.84
O3 PGE C . -14.92 -14.00 -22.23
C1 PEG D . -11.55 -21.31 -11.41
O1 PEG D . -10.86 -21.53 -12.61
C2 PEG D . -12.63 -20.26 -11.62
O2 PEG D . -13.14 -20.33 -12.92
C3 PEG D . -12.80 -19.24 -13.72
C4 PEG D . -13.95 -18.24 -13.73
O4 PEG D . -13.52 -17.06 -13.09
C1 PEG E . -6.46 24.26 -7.12
O1 PEG E . -6.78 25.62 -7.36
C2 PEG E . -7.65 23.38 -7.50
O2 PEG E . -8.79 23.82 -6.83
C3 PEG E . -9.98 23.32 -7.37
C4 PEG E . -11.03 24.42 -7.46
O4 PEG E . -12.15 23.90 -8.14
C1 FOF F . 1.09 -0.59 4.21
C2 FOF F . 2.42 0.07 4.58
C3 FOF F . 2.84 1.22 3.66
C4 FOF F . 3.13 -0.32 5.64
C5 FOF F . 2.67 -1.50 6.51
C6 FOF F . 3.04 -1.46 8.00
C7 FOF F . 2.07 -2.40 8.75
C8 FOF F . 1.07 -3.25 7.96
C9 FOF F . 2.07 -2.49 10.07
C10 FOF F . 1.10 -3.43 10.81
C11 FOF F . 1.29 -3.29 12.32
C12 FOF F . 0.97 -4.67 12.87
C13 FOF F . -0.21 -4.94 13.81
C14 FOF F . 1.79 -5.62 12.46
C15 FOF F . 1.67 -7.08 12.82
O1 FOF F . 1.83 -7.72 11.59
CHA HEM G . 6.13 3.83 3.33
CHB HEM G . 2.28 3.77 0.33
CHC HEM G . 4.53 0.61 -2.53
CHD HEM G . 8.27 0.47 0.57
C1A HEM G . 4.88 4.11 2.77
C2A HEM G . 3.88 4.96 3.33
C3A HEM G . 2.82 4.96 2.50
C4A HEM G . 3.13 4.06 1.40
CMA HEM G . 1.51 5.74 2.67
CAA HEM G . 4.01 5.86 4.59
CBA HEM G . 4.37 7.29 4.15
CGA HEM G . 4.41 8.30 5.28
O1A HEM G . 4.23 7.89 6.46
O2A HEM G . 4.57 9.52 5.00
C1B HEM G . 2.59 2.88 -0.69
C2B HEM G . 1.69 2.65 -1.80
C3B HEM G . 2.30 1.75 -2.61
C4B HEM G . 3.58 1.45 -2.01
CMB HEM G . 0.31 3.31 -1.93
CAB HEM G . 1.89 1.10 -3.95
CBB HEM G . 1.06 1.68 -4.83
C1C HEM G . 5.78 0.37 -1.95
C2C HEM G . 6.81 -0.44 -2.57
C3C HEM G . 7.87 -0.48 -1.73
C4C HEM G . 7.51 0.27 -0.55
CMC HEM G . 6.70 -1.10 -3.95
CAC HEM G . 9.18 -1.27 -1.95
CBC HEM G . 9.10 -2.54 -2.36
C1D HEM G . 8.00 1.36 1.61
C2D HEM G . 8.86 1.56 2.77
C3D HEM G . 8.27 2.48 3.55
C4D HEM G . 7.04 2.89 2.88
CMD HEM G . 10.19 0.79 3.00
CAD HEM G . 8.68 3.10 4.89
CBD HEM G . 9.54 4.35 4.62
CGD HEM G . 9.91 5.03 5.92
O1D HEM G . 9.24 4.79 6.97
O2D HEM G . 10.89 5.85 5.89
NA HEM G . 4.40 3.56 1.57
NB HEM G . 3.74 2.13 -0.82
NC HEM G . 6.24 0.82 -0.70
ND HEM G . 6.87 2.15 1.70
FE HEM G . 5.40 2.31 0.31
C1 PGE H . 12.94 1.85 -9.42
O1 PGE H . 13.78 3.01 -9.52
C2 PGE H . 13.49 0.90 -8.36
O2 PGE H . 13.23 1.47 -7.09
C3 PGE H . 13.73 0.79 -5.96
C4 PGE H . 14.50 1.88 -5.25
O4 PGE H . 15.97 4.95 -3.82
C6 PGE H . 15.92 3.54 -3.61
C5 PGE H . 14.50 3.18 -3.28
O3 PGE H . 14.12 1.97 -3.91
C1 PEG I . 20.88 -20.52 1.56
O1 PEG I . 21.89 -20.18 0.66
C2 PEG I . 20.17 -19.25 2.03
O2 PEG I . 19.42 -19.53 3.18
C3 PEG I . 18.06 -19.18 3.13
C4 PEG I . 17.27 -20.43 3.49
O4 PEG I . 17.68 -20.91 4.73
S SO4 J . 25.01 -12.91 -9.44
O1 SO4 J . 25.81 -11.78 -9.90
O2 SO4 J . 24.59 -13.71 -10.58
O3 SO4 J . 23.81 -12.45 -8.73
O4 SO4 J . 25.80 -13.72 -8.53
S SO4 K . 10.45 -1.05 -19.35
O1 SO4 K . 11.63 -0.93 -20.22
O2 SO4 K . 9.31 -0.50 -20.08
O3 SO4 K . 10.29 -2.44 -18.93
O4 SO4 K . 10.61 -0.25 -18.15
S SO4 L . -3.13 1.77 22.49
O1 SO4 L . -1.68 1.92 22.64
O2 SO4 L . -3.41 1.55 21.08
O3 SO4 L . -3.72 3.00 22.99
O4 SO4 L . -3.55 0.58 23.22
#